data_3AJ6
#
_entry.id   3AJ6
#
_cell.length_a   137.856
_cell.length_b   62.139
_cell.length_c   82.336
_cell.angle_alpha   90.00
_cell.angle_beta   104.47
_cell.angle_gamma   90.00
#
_symmetry.space_group_name_H-M   'C 1 2 1'
#
loop_
_entity.id
_entity.type
_entity.pdbx_description
1 polymer 'Main hemagglutinin component'
2 non-polymer 2-acetamido-2-deoxy-beta-D-galactopyranose
3 water water
#
_entity_poly.entity_id   1
_entity_poly.type   'polypeptide(L)'
_entity_poly.pdbx_seq_one_letter_code
;MSQTNANDLRNNEVFFISPSNNTNKVLDKISQSEVKLWNKLSGANQKWRLIYDTNKQAYKIKVMDNTSLILTWNAPLSSV
SVKTDTNGDNQYWYLLQNYISRNVIIRNYMNPNLVLQYNIDDTLMVSTQTSSSNQFFKFSNCIYEALNNRNCKLQTQLNS
DRFLSKNLNSQIIVLWQWIDSSRQKWIIEYNETKSAYTLKCQENNRYLTWIQNSNNYVETYQSTDSLIQYWNINYLDNDA
SKYILYNLQDTNRVLDVYNSQIANGTHVIVDSYHGNTNQQWIINLI
;
_entity_poly.pdbx_strand_id   A,B
#
loop_
_chem_comp.id
_chem_comp.type
_chem_comp.name
_chem_comp.formula
NGA D-saccharide, beta linking 2-acetamido-2-deoxy-beta-D-galactopyranose 'C8 H15 N O6'
#
# COMPACT_ATOMS: atom_id res chain seq x y z
N THR A 4 -1.83 8.66 -1.38
CA THR A 4 -2.80 7.96 -0.49
C THR A 4 -2.87 6.48 -0.88
N ASN A 5 -3.15 5.63 0.11
CA ASN A 5 -3.50 4.23 -0.17
C ASN A 5 -5.00 4.04 -0.40
N ALA A 6 -5.77 5.12 -0.40
CA ALA A 6 -7.23 5.02 -0.53
C ALA A 6 -7.68 4.45 -1.87
N ASN A 7 -6.83 4.53 -2.89
CA ASN A 7 -7.18 4.06 -4.22
C ASN A 7 -6.64 2.66 -4.51
N ASP A 8 -6.16 1.96 -3.49
CA ASP A 8 -5.61 0.61 -3.67
C ASP A 8 -6.73 -0.32 -4.14
N LEU A 9 -6.34 -1.39 -4.82
CA LEU A 9 -7.25 -2.28 -5.54
C LEU A 9 -7.88 -3.33 -4.60
N ARG A 10 -8.52 -2.82 -3.56
CA ARG A 10 -9.16 -3.62 -2.53
C ARG A 10 -10.41 -4.30 -3.04
N ASN A 11 -10.60 -5.53 -2.60
CA ASN A 11 -11.88 -6.21 -2.79
C ASN A 11 -13.02 -5.35 -2.21
N ASN A 12 -14.17 -5.34 -2.90
CA ASN A 12 -15.38 -4.70 -2.40
C ASN A 12 -15.32 -3.17 -2.34
N GLU A 13 -14.38 -2.57 -3.05
CA GLU A 13 -14.38 -1.12 -3.20
C GLU A 13 -14.86 -0.74 -4.58
N VAL A 14 -15.38 0.48 -4.70
CA VAL A 14 -16.01 0.98 -5.91
C VAL A 14 -15.17 2.13 -6.48
N PHE A 15 -14.94 2.07 -7.79
CA PHE A 15 -13.94 2.91 -8.46
C PHE A 15 -14.45 3.57 -9.72
N PHE A 16 -13.86 4.73 -10.01
CA PHE A 16 -13.78 5.25 -11.37
C PHE A 16 -12.54 4.62 -12.01
N ILE A 17 -12.69 4.16 -13.25
CA ILE A 17 -11.60 3.56 -14.01
C ILE A 17 -11.32 4.49 -15.19
N SER A 18 -10.14 5.09 -15.21
CA SER A 18 -9.80 6.13 -16.20
CA SER A 18 -9.82 6.13 -16.20
C SER A 18 -8.63 5.72 -17.08
N PRO A 19 -8.63 6.20 -18.33
CA PRO A 19 -7.45 6.02 -19.16
C PRO A 19 -6.29 6.79 -18.54
N SER A 20 -5.09 6.24 -18.63
CA SER A 20 -3.93 6.94 -18.08
C SER A 20 -3.71 8.32 -18.71
N ASN A 21 -4.11 8.50 -19.97
CA ASN A 21 -3.85 9.75 -20.68
C ASN A 21 -4.92 10.84 -20.49
N ASN A 22 -5.93 10.57 -19.68
CA ASN A 22 -6.98 11.57 -19.46
C ASN A 22 -7.73 11.34 -18.17
N THR A 23 -7.38 12.15 -17.18
CA THR A 23 -7.97 12.01 -15.85
CA THR A 23 -7.95 12.07 -15.84
C THR A 23 -9.42 12.53 -15.78
N ASN A 24 -9.91 13.15 -16.86
CA ASN A 24 -11.29 13.61 -16.92
C ASN A 24 -12.25 12.61 -17.57
N LYS A 25 -11.73 11.47 -18.03
CA LYS A 25 -12.58 10.44 -18.64
C LYS A 25 -12.63 9.19 -17.79
N VAL A 26 -13.75 8.46 -17.88
CA VAL A 26 -13.97 7.25 -17.11
C VAL A 26 -14.69 6.20 -17.93
N LEU A 27 -14.51 4.94 -17.54
CA LEU A 27 -15.24 3.82 -18.10
C LEU A 27 -16.72 4.01 -17.76
N ASP A 28 -17.57 3.97 -18.79
CA ASP A 28 -18.97 4.33 -18.68
C ASP A 28 -19.84 3.26 -19.35
N LYS A 29 -20.76 2.68 -18.58
CA LYS A 29 -21.82 1.86 -19.14
C LYS A 29 -22.85 2.76 -19.79
N ILE A 30 -22.88 2.79 -21.11
CA ILE A 30 -23.78 3.71 -21.82
C ILE A 30 -25.12 3.08 -22.18
N SER A 31 -25.18 1.75 -22.19
CA SER A 31 -26.40 1.04 -22.55
C SER A 31 -26.44 -0.29 -21.80
N GLN A 32 -27.42 -1.14 -22.11
CA GLN A 32 -27.45 -2.43 -21.44
C GLN A 32 -26.35 -3.39 -21.90
N SER A 33 -25.60 -3.01 -22.92
CA SER A 33 -24.47 -3.84 -23.37
C SER A 33 -23.15 -3.11 -23.60
N GLU A 34 -23.18 -1.80 -23.84
CA GLU A 34 -22.01 -1.09 -24.36
C GLU A 34 -21.32 -0.31 -23.26
N VAL A 35 -20.00 -0.38 -23.29
CA VAL A 35 -19.15 0.49 -22.50
C VAL A 35 -18.31 1.35 -23.43
N LYS A 36 -17.92 2.51 -22.92
CA LYS A 36 -17.19 3.51 -23.67
C LYS A 36 -16.52 4.40 -22.63
N LEU A 37 -15.44 5.08 -23.01
CA LEU A 37 -14.90 6.14 -22.18
C LEU A 37 -15.76 7.37 -22.38
N TRP A 38 -16.03 8.09 -21.29
CA TRP A 38 -16.83 9.28 -21.34
C TRP A 38 -16.38 10.27 -20.29
N ASN A 39 -16.64 11.57 -20.51
CA ASN A 39 -16.36 12.56 -19.50
C ASN A 39 -16.96 12.15 -18.16
N LYS A 40 -16.20 12.36 -17.08
CA LYS A 40 -16.67 12.00 -15.76
C LYS A 40 -17.84 12.89 -15.39
N LEU A 41 -18.93 12.23 -14.99
CA LEU A 41 -20.17 12.85 -14.51
C LEU A 41 -20.48 12.39 -13.08
N SER A 42 -19.74 11.38 -12.60
CA SER A 42 -19.94 10.74 -11.29
C SER A 42 -21.33 10.09 -11.15
N GLY A 43 -21.90 9.66 -12.28
CA GLY A 43 -23.14 8.88 -12.30
C GLY A 43 -22.85 7.42 -11.94
N ALA A 44 -23.87 6.68 -11.51
CA ALA A 44 -23.65 5.33 -11.00
C ALA A 44 -23.20 4.35 -12.10
N ASN A 45 -23.55 4.67 -13.33
CA ASN A 45 -23.10 3.91 -14.50
C ASN A 45 -21.62 4.12 -14.85
N GLN A 46 -20.94 4.98 -14.09
CA GLN A 46 -19.50 5.22 -14.21
C GLN A 46 -18.75 4.67 -13.01
N LYS A 47 -19.45 3.93 -12.14
CA LYS A 47 -18.86 3.40 -10.91
C LYS A 47 -18.84 1.88 -10.96
N TRP A 48 -17.73 1.28 -10.54
CA TRP A 48 -17.48 -0.14 -10.70
C TRP A 48 -16.98 -0.75 -9.41
N ARG A 49 -17.69 -1.76 -8.92
CA ARG A 49 -17.27 -2.51 -7.73
C ARG A 49 -16.38 -3.67 -8.13
N LEU A 50 -15.29 -3.84 -7.39
CA LEU A 50 -14.41 -4.98 -7.59
C LEU A 50 -14.85 -6.14 -6.71
N ILE A 51 -14.96 -7.32 -7.31
CA ILE A 51 -15.27 -8.55 -6.56
C ILE A 51 -14.19 -9.57 -6.87
N TYR A 52 -13.31 -9.75 -5.88
CA TYR A 52 -12.16 -10.62 -6.04
C TYR A 52 -12.52 -12.11 -5.86
N ASP A 53 -11.97 -12.94 -6.76
CA ASP A 53 -12.11 -14.40 -6.72
C ASP A 53 -10.72 -14.92 -6.38
N THR A 54 -10.58 -15.41 -5.15
CA THR A 54 -9.30 -15.83 -4.61
C THR A 54 -8.75 -17.07 -5.32
N ASN A 55 -9.64 -17.99 -5.68
CA ASN A 55 -9.22 -19.19 -6.41
C ASN A 55 -8.53 -18.84 -7.72
N LYS A 56 -9.11 -17.87 -8.44
CA LYS A 56 -8.57 -17.46 -9.75
C LYS A 56 -7.51 -16.36 -9.64
N GLN A 57 -7.42 -15.72 -8.49
CA GLN A 57 -6.58 -14.52 -8.30
C GLN A 57 -6.92 -13.46 -9.34
N ALA A 58 -8.22 -13.28 -9.58
CA ALA A 58 -8.74 -12.37 -10.58
C ALA A 58 -10.06 -11.80 -10.10
N TYR A 59 -10.49 -10.73 -10.76
CA TYR A 59 -11.64 -9.96 -10.30
C TYR A 59 -12.77 -9.91 -11.32
N LYS A 60 -14.00 -9.83 -10.81
CA LYS A 60 -15.12 -9.31 -11.58
C LYS A 60 -15.21 -7.80 -11.35
N ILE A 61 -15.66 -7.10 -12.38
CA ILE A 61 -15.80 -5.65 -12.39
C ILE A 61 -17.27 -5.32 -12.69
N LYS A 62 -18.01 -4.93 -11.64
CA LYS A 62 -19.47 -4.84 -11.70
C LYS A 62 -19.92 -3.39 -11.71
N VAL A 63 -20.73 -3.01 -12.69
CA VAL A 63 -21.28 -1.68 -12.74
C VAL A 63 -22.22 -1.46 -11.55
N MET A 64 -22.29 -0.22 -11.07
CA MET A 64 -23.07 0.11 -9.87
C MET A 64 -24.35 0.89 -10.14
N ASP A 65 -24.94 0.74 -11.33
CA ASP A 65 -26.18 1.44 -11.68
C ASP A 65 -27.46 0.68 -11.34
N ASN A 66 -27.30 -0.45 -10.64
CA ASN A 66 -28.38 -1.37 -10.19
C ASN A 66 -28.61 -2.57 -11.11
N THR A 67 -28.03 -2.56 -12.31
CA THR A 67 -28.23 -3.66 -13.26
C THR A 67 -27.37 -4.88 -12.98
N SER A 68 -26.33 -4.72 -12.16
CA SER A 68 -25.45 -5.84 -11.78
C SER A 68 -24.63 -6.45 -12.92
N LEU A 69 -24.55 -5.78 -14.06
CA LEU A 69 -23.82 -6.35 -15.19
C LEU A 69 -22.33 -6.19 -14.96
N ILE A 70 -21.54 -7.09 -15.55
CA ILE A 70 -20.10 -7.10 -15.34
C ILE A 70 -19.33 -7.02 -16.65
N LEU A 71 -18.15 -6.42 -16.57
CA LEU A 71 -17.29 -6.23 -17.72
C LEU A 71 -16.87 -7.57 -18.30
N THR A 72 -17.08 -7.74 -19.59
CA THR A 72 -17.00 -9.04 -20.26
C THR A 72 -16.29 -8.91 -21.59
N TRP A 73 -15.37 -9.82 -21.83
CA TRP A 73 -14.72 -9.96 -23.15
C TRP A 73 -15.60 -10.85 -24.01
N ASN A 74 -15.99 -10.32 -25.18
CA ASN A 74 -16.87 -11.04 -26.10
C ASN A 74 -16.08 -12.03 -26.97
N ALA A 75 -15.41 -12.98 -26.32
CA ALA A 75 -14.65 -14.01 -27.03
C ALA A 75 -15.56 -14.72 -28.05
N PRO A 76 -15.02 -15.02 -29.24
CA PRO A 76 -13.66 -14.83 -29.71
C PRO A 76 -13.39 -13.48 -30.37
N LEU A 77 -14.35 -12.55 -30.32
CA LEU A 77 -14.20 -11.24 -30.93
C LEU A 77 -13.22 -10.37 -30.13
N SER A 78 -12.92 -9.18 -30.62
CA SER A 78 -12.05 -8.24 -29.92
C SER A 78 -12.85 -7.28 -29.03
N SER A 79 -14.16 -7.33 -29.12
CA SER A 79 -15.00 -6.37 -28.40
C SER A 79 -15.20 -6.76 -26.93
N VAL A 80 -15.58 -5.75 -26.15
CA VAL A 80 -15.98 -5.93 -24.77
C VAL A 80 -17.39 -5.37 -24.57
N SER A 81 -18.04 -5.81 -23.50
CA SER A 81 -19.38 -5.36 -23.17
C SER A 81 -19.58 -5.44 -21.67
N VAL A 82 -20.75 -5.01 -21.24
CA VAL A 82 -21.29 -5.42 -19.95
C VAL A 82 -22.34 -6.49 -20.24
N LYS A 83 -22.32 -7.55 -19.45
CA LYS A 83 -23.22 -8.67 -19.61
C LYS A 83 -23.61 -9.25 -18.26
N THR A 84 -24.72 -9.96 -18.24
CA THR A 84 -25.12 -10.74 -17.10
C THR A 84 -23.99 -11.65 -16.64
N ASP A 85 -23.82 -11.74 -15.33
CA ASP A 85 -22.83 -12.63 -14.72
C ASP A 85 -23.26 -14.07 -14.86
N THR A 86 -22.57 -14.83 -15.70
CA THR A 86 -22.76 -16.28 -15.79
C THR A 86 -21.47 -17.01 -15.38
N ASN A 87 -20.58 -16.30 -14.70
CA ASN A 87 -19.33 -16.88 -14.19
C ASN A 87 -18.43 -17.40 -15.31
N GLY A 88 -18.47 -16.76 -16.47
CA GLY A 88 -17.59 -17.13 -17.57
C GLY A 88 -16.15 -16.71 -17.31
N ASP A 89 -15.18 -17.51 -17.75
CA ASP A 89 -13.77 -17.16 -17.60
C ASP A 89 -13.47 -15.81 -18.25
N ASN A 90 -14.20 -15.50 -19.32
CA ASN A 90 -14.07 -14.23 -20.05
C ASN A 90 -14.59 -13.03 -19.28
N GLN A 91 -15.19 -13.27 -18.11
CA GLN A 91 -15.75 -12.22 -17.26
C GLN A 91 -14.89 -11.93 -16.03
N TYR A 92 -13.72 -12.54 -15.96
CA TYR A 92 -12.74 -12.27 -14.92
C TYR A 92 -11.54 -11.57 -15.51
N TRP A 93 -10.91 -10.74 -14.69
CA TRP A 93 -9.80 -9.89 -15.13
C TRP A 93 -8.73 -9.85 -14.05
N TYR A 94 -7.50 -10.05 -14.45
CA TYR A 94 -6.36 -9.74 -13.59
C TYR A 94 -6.23 -8.22 -13.54
N LEU A 95 -6.04 -7.68 -12.34
CA LEU A 95 -5.76 -6.28 -12.16
C LEU A 95 -4.39 -6.28 -11.49
N LEU A 96 -3.36 -5.97 -12.26
CA LEU A 96 -2.03 -5.88 -11.71
C LEU A 96 -1.55 -4.46 -11.90
N GLN A 97 -0.88 -3.95 -10.89
CA GLN A 97 -0.55 -2.53 -10.80
C GLN A 97 0.93 -2.30 -10.63
N ASN A 98 1.41 -1.25 -11.28
CA ASN A 98 2.75 -0.73 -11.10
C ASN A 98 2.68 0.17 -9.87
N TYR A 99 3.45 -0.18 -8.84
CA TYR A 99 3.39 0.50 -7.56
C TYR A 99 3.71 1.99 -7.67
N ILE A 100 4.64 2.33 -8.55
CA ILE A 100 5.16 3.70 -8.64
C ILE A 100 4.32 4.56 -9.59
N SER A 101 4.06 4.09 -10.80
CA SER A 101 3.22 4.83 -11.74
C SER A 101 1.73 4.85 -11.35
N ARG A 102 1.33 3.83 -10.59
CA ARG A 102 -0.08 3.58 -10.22
C ARG A 102 -0.94 3.04 -11.37
N ASN A 103 -0.36 2.88 -12.55
CA ASN A 103 -1.10 2.33 -13.68
C ASN A 103 -1.42 0.87 -13.47
N VAL A 104 -2.61 0.51 -13.94
CA VAL A 104 -3.16 -0.82 -13.84
C VAL A 104 -3.38 -1.37 -15.24
N ILE A 105 -2.97 -2.61 -15.44
CA ILE A 105 -3.25 -3.35 -16.68
C ILE A 105 -4.42 -4.27 -16.37
N ILE A 106 -5.42 -4.23 -17.23
CA ILE A 106 -6.67 -5.00 -17.04
C ILE A 106 -6.62 -6.13 -18.03
N ARG A 107 -6.24 -7.31 -17.54
CA ARG A 107 -5.84 -8.43 -18.39
C ARG A 107 -6.87 -9.54 -18.26
N ASN A 108 -7.32 -10.09 -19.39
CA ASN A 108 -8.40 -11.05 -19.32
C ASN A 108 -7.92 -12.39 -18.75
N TYR A 109 -8.73 -12.98 -17.90
CA TYR A 109 -8.41 -14.26 -17.27
C TYR A 109 -8.46 -15.41 -18.27
N MET A 110 -9.46 -15.41 -19.15
CA MET A 110 -9.62 -16.51 -20.12
C MET A 110 -8.46 -16.56 -21.10
N ASN A 111 -8.02 -15.40 -21.57
CA ASN A 111 -6.82 -15.33 -22.41
C ASN A 111 -5.94 -14.18 -21.94
N PRO A 112 -4.95 -14.49 -21.08
CA PRO A 112 -4.12 -13.42 -20.51
C PRO A 112 -3.10 -12.81 -21.47
N ASN A 113 -3.09 -13.26 -22.72
CA ASN A 113 -2.40 -12.53 -23.78
C ASN A 113 -3.13 -11.26 -24.17
N LEU A 114 -4.39 -11.13 -23.76
CA LEU A 114 -5.24 -10.01 -24.13
C LEU A 114 -5.47 -9.08 -22.95
N VAL A 115 -5.27 -7.79 -23.20
CA VAL A 115 -5.49 -6.74 -22.22
C VAL A 115 -6.51 -5.72 -22.76
N LEU A 116 -7.20 -5.07 -21.85
CA LEU A 116 -8.14 -4.03 -22.20
C LEU A 116 -7.36 -2.84 -22.76
N GLN A 117 -7.90 -2.24 -23.81
CA GLN A 117 -7.28 -1.10 -24.47
C GLN A 117 -8.35 -0.06 -24.71
N TYR A 118 -8.00 1.21 -24.51
CA TYR A 118 -8.85 2.31 -24.95
C TYR A 118 -8.30 2.92 -26.22
N ASN A 119 -9.23 3.28 -27.10
CA ASN A 119 -8.86 3.83 -28.38
C ASN A 119 -9.03 5.34 -28.39
N ILE A 120 -8.43 5.96 -29.39
CA ILE A 120 -8.50 7.41 -29.56
C ILE A 120 -9.95 7.91 -29.60
N ASP A 121 -10.83 7.10 -30.19
CA ASP A 121 -12.26 7.43 -30.34
C ASP A 121 -13.11 7.05 -29.12
N ASP A 122 -12.45 6.75 -28.00
CA ASP A 122 -13.07 6.45 -26.70
C ASP A 122 -13.73 5.08 -26.59
N THR A 123 -13.61 4.27 -27.64
CA THR A 123 -14.09 2.91 -27.58
C THR A 123 -13.06 2.06 -26.84
N LEU A 124 -13.50 0.88 -26.43
CA LEU A 124 -12.65 -0.09 -25.74
C LEU A 124 -12.68 -1.39 -26.49
N MET A 125 -11.61 -2.16 -26.35
CA MET A 125 -11.49 -3.48 -26.94
C MET A 125 -10.43 -4.24 -26.15
N VAL A 126 -10.24 -5.53 -26.46
CA VAL A 126 -9.05 -6.24 -26.01
C VAL A 126 -8.05 -6.37 -27.14
N SER A 127 -6.79 -6.45 -26.78
CA SER A 127 -5.70 -6.52 -27.74
C SER A 127 -4.46 -7.13 -27.10
N THR A 128 -3.53 -7.62 -27.92
CA THR A 128 -2.23 -8.02 -27.41
C THR A 128 -1.46 -6.82 -26.87
N GLN A 129 -0.47 -7.08 -26.00
CA GLN A 129 0.23 -6.04 -25.25
C GLN A 129 1.35 -5.35 -26.03
N THR A 130 1.41 -4.03 -25.89
CA THR A 130 2.46 -3.20 -26.49
C THR A 130 3.26 -2.51 -25.36
N SER A 131 3.73 -1.28 -25.58
CA SER A 131 4.30 -0.45 -24.51
C SER A 131 3.55 0.86 -24.41
N SER A 132 2.35 0.88 -24.99
CA SER A 132 1.57 2.10 -25.08
CA SER A 132 1.56 2.11 -25.08
C SER A 132 0.70 2.33 -23.83
N SER A 133 0.56 3.59 -23.49
CA SER A 133 -0.31 3.99 -22.41
C SER A 133 -1.79 3.74 -22.72
N ASN A 134 -2.14 3.34 -23.95
CA ASN A 134 -3.54 3.00 -24.28
C ASN A 134 -4.01 1.68 -23.65
N GLN A 135 -3.10 1.01 -22.94
CA GLN A 135 -3.44 -0.18 -22.17
C GLN A 135 -3.23 0.03 -20.67
N PHE A 136 -3.03 1.29 -20.25
CA PHE A 136 -2.80 1.60 -18.83
C PHE A 136 -3.98 2.39 -18.31
N PHE A 137 -4.50 1.97 -17.16
CA PHE A 137 -5.64 2.61 -16.52
C PHE A 137 -5.31 3.08 -15.11
N LYS A 138 -5.98 4.12 -14.65
CA LYS A 138 -5.92 4.51 -13.26
C LYS A 138 -7.24 4.20 -12.59
N PHE A 139 -7.17 3.79 -11.33
CA PHE A 139 -8.34 3.49 -10.52
C PHE A 139 -8.44 4.51 -9.40
N SER A 140 -9.60 5.13 -9.25
CA SER A 140 -9.81 6.12 -8.19
C SER A 140 -11.04 5.71 -7.39
N ASN A 141 -10.86 5.54 -6.09
CA ASN A 141 -11.93 5.16 -5.18
C ASN A 141 -12.96 6.29 -5.11
N CYS A 142 -14.21 5.97 -5.45
CA CYS A 142 -15.25 6.98 -5.59
C CYS A 142 -15.56 7.71 -4.28
N ILE A 143 -15.70 6.96 -3.20
CA ILE A 143 -16.07 7.53 -1.92
C ILE A 143 -14.98 8.46 -1.40
N TYR A 144 -13.72 8.06 -1.54
CA TYR A 144 -12.62 8.94 -1.12
C TYR A 144 -12.64 10.25 -1.89
N GLU A 145 -12.85 10.17 -3.20
CA GLU A 145 -12.91 11.35 -4.05
C GLU A 145 -14.04 12.28 -3.62
N ALA A 146 -15.15 11.72 -3.16
CA ALA A 146 -16.35 12.51 -2.86
C ALA A 146 -16.42 13.08 -1.44
N LEU A 147 -16.00 12.31 -0.43
CA LEU A 147 -16.24 12.63 0.98
CA LEU A 147 -16.23 12.77 0.94
C LEU A 147 -15.00 13.00 1.79
N ASN A 148 -13.81 12.66 1.30
CA ASN A 148 -12.65 12.88 2.17
C ASN A 148 -12.44 14.34 2.51
N ASN A 149 -12.24 14.58 3.80
CA ASN A 149 -12.04 15.93 4.36
C ASN A 149 -13.22 16.86 4.14
N ARG A 150 -14.42 16.30 4.08
CA ARG A 150 -15.64 17.09 3.86
C ARG A 150 -16.54 17.04 5.08
N ASN A 151 -17.16 18.18 5.36
CA ASN A 151 -18.20 18.29 6.39
C ASN A 151 -19.50 17.75 5.84
N CYS A 152 -20.05 16.74 6.53
CA CYS A 152 -21.21 15.99 6.03
C CYS A 152 -22.29 15.82 7.08
N LYS A 153 -23.48 15.49 6.59
CA LYS A 153 -24.56 15.04 7.45
C LYS A 153 -24.91 13.62 7.03
N LEU A 154 -25.38 12.83 7.98
CA LEU A 154 -25.72 11.42 7.74
C LEU A 154 -27.16 11.16 8.18
N GLN A 155 -28.00 10.90 7.19
CA GLN A 155 -29.42 10.67 7.36
C GLN A 155 -29.68 9.17 7.36
N THR A 156 -30.47 8.68 8.31
CA THR A 156 -30.90 7.28 8.24
C THR A 156 -31.90 7.12 7.11
N GLN A 157 -31.76 6.03 6.35
CA GLN A 157 -32.73 5.69 5.31
C GLN A 157 -34.13 5.49 5.90
N LEU A 158 -34.23 5.27 7.21
CA LEU A 158 -35.55 5.07 7.85
C LEU A 158 -36.49 6.27 7.75
N ASN A 159 -35.92 7.47 7.70
CA ASN A 159 -36.72 8.69 7.72
C ASN A 159 -35.91 9.84 7.12
N SER A 160 -36.55 10.60 6.23
CA SER A 160 -35.86 11.67 5.51
C SER A 160 -35.39 12.82 6.40
N ASP A 161 -35.94 12.92 7.61
CA ASP A 161 -35.53 13.95 8.55
C ASP A 161 -35.08 13.38 9.89
N ARG A 162 -34.24 12.35 9.87
CA ARG A 162 -33.55 11.89 11.07
C ARG A 162 -32.07 11.69 10.76
N PHE A 163 -31.23 12.31 11.57
CA PHE A 163 -29.81 12.44 11.33
C PHE A 163 -28.95 11.97 12.49
N LEU A 164 -27.79 11.44 12.16
CA LEU A 164 -26.77 11.07 13.13
C LEU A 164 -26.36 12.32 13.92
N SER A 165 -26.59 12.28 15.23
CA SER A 165 -26.44 13.45 16.10
C SER A 165 -25.84 13.10 17.45
N LYS A 166 -24.86 13.85 17.91
CA LYS A 166 -24.47 13.78 19.32
C LYS A 166 -25.60 14.33 20.17
N ASN A 167 -25.97 13.62 21.24
CA ASN A 167 -27.02 14.11 22.14
C ASN A 167 -26.51 15.31 22.94
N LEU A 168 -27.45 16.16 23.37
CA LEU A 168 -27.12 17.29 24.23
C LEU A 168 -26.54 16.81 25.55
N ASN A 169 -25.48 17.46 26.01
CA ASN A 169 -24.89 17.13 27.33
C ASN A 169 -24.60 15.64 27.54
N SER A 170 -24.14 14.98 26.48
CA SER A 170 -23.91 13.55 26.51
C SER A 170 -22.94 13.23 25.39
N GLN A 171 -22.20 12.13 25.52
CA GLN A 171 -21.39 11.64 24.41
C GLN A 171 -22.18 10.68 23.51
N ILE A 172 -23.36 10.29 23.94
CA ILE A 172 -24.14 9.29 23.22
C ILE A 172 -24.63 9.84 21.90
N ILE A 173 -24.52 9.02 20.85
CA ILE A 173 -24.98 9.39 19.52
C ILE A 173 -26.36 8.78 19.23
N VAL A 174 -27.28 9.62 18.75
CA VAL A 174 -28.68 9.27 18.56
C VAL A 174 -29.17 9.80 17.24
N LEU A 175 -30.39 9.42 16.87
CA LEU A 175 -31.08 10.08 15.77
C LEU A 175 -31.72 11.37 16.27
N TRP A 176 -31.73 12.38 15.42
CA TRP A 176 -32.47 13.60 15.72
C TRP A 176 -32.84 14.29 14.42
N GLN A 177 -33.97 14.95 14.43
CA GLN A 177 -34.38 15.74 13.26
C GLN A 177 -33.39 16.84 12.98
N TRP A 178 -33.36 17.32 11.75
CA TRP A 178 -32.40 18.34 11.37
C TRP A 178 -32.75 19.63 12.09
N ILE A 179 -31.79 20.14 12.86
CA ILE A 179 -31.93 21.45 13.51
C ILE A 179 -30.72 22.34 13.20
N ASP A 180 -29.95 21.97 12.18
CA ASP A 180 -28.77 22.69 11.72
C ASP A 180 -27.74 22.88 12.83
N SER A 181 -27.61 21.88 13.70
CA SER A 181 -26.69 21.93 14.83
C SER A 181 -25.34 21.34 14.48
N SER A 182 -24.29 21.90 15.07
CA SER A 182 -22.94 21.36 14.98
C SER A 182 -22.85 19.94 15.56
N ARG A 183 -23.82 19.57 16.39
CA ARG A 183 -23.92 18.20 16.90
C ARG A 183 -24.29 17.19 15.81
N GLN A 184 -24.72 17.68 14.65
CA GLN A 184 -25.21 16.85 13.55
C GLN A 184 -24.34 16.97 12.31
N LYS A 185 -23.16 17.57 12.45
CA LYS A 185 -22.25 17.81 11.33
C LYS A 185 -20.95 17.08 11.62
N TRP A 186 -20.47 16.31 10.64
CA TRP A 186 -19.39 15.35 10.84
C TRP A 186 -18.35 15.54 9.75
N ILE A 187 -17.11 15.79 10.16
CA ILE A 187 -16.03 15.84 9.20
C ILE A 187 -15.53 14.42 9.01
N ILE A 188 -15.57 13.96 7.77
CA ILE A 188 -15.14 12.63 7.41
C ILE A 188 -13.71 12.71 6.92
N GLU A 189 -12.82 11.95 7.55
CA GLU A 189 -11.39 12.02 7.22
C GLU A 189 -10.79 10.62 7.11
N TYR A 190 -10.15 10.36 5.98
CA TYR A 190 -9.49 9.09 5.77
C TYR A 190 -8.19 9.02 6.56
N ASN A 191 -7.97 7.90 7.22
CA ASN A 191 -6.78 7.65 8.01
C ASN A 191 -5.94 6.64 7.25
N GLU A 192 -4.75 7.05 6.86
CA GLU A 192 -3.88 6.21 6.03
C GLU A 192 -3.38 4.97 6.76
N THR A 193 -3.10 5.12 8.05
CA THR A 193 -2.62 4.01 8.84
C THR A 193 -3.65 2.86 8.89
N LYS A 194 -4.90 3.21 9.15
CA LYS A 194 -5.96 2.20 9.26
C LYS A 194 -6.65 1.88 7.93
N SER A 195 -6.39 2.69 6.92
CA SER A 195 -7.06 2.58 5.63
C SER A 195 -8.58 2.59 5.80
N ALA A 196 -9.05 3.53 6.60
CA ALA A 196 -10.48 3.66 6.91
C ALA A 196 -10.72 5.06 7.47
N TYR A 197 -11.99 5.41 7.68
CA TYR A 197 -12.36 6.77 8.01
C TYR A 197 -12.67 6.99 9.49
N THR A 198 -12.39 8.20 9.95
CA THR A 198 -12.98 8.69 11.17
C THR A 198 -14.03 9.75 10.83
N LEU A 199 -14.96 9.96 11.75
CA LEU A 199 -16.01 10.94 11.60
C LEU A 199 -16.03 11.78 12.87
N LYS A 200 -15.74 13.07 12.70
CA LYS A 200 -15.55 13.98 13.82
C LYS A 200 -16.76 14.90 13.98
N CYS A 201 -17.36 14.89 15.16
CA CYS A 201 -18.48 15.75 15.46
C CYS A 201 -18.00 17.19 15.59
N GLN A 202 -18.63 18.09 14.84
CA GLN A 202 -18.21 19.49 14.79
C GLN A 202 -18.34 20.16 16.14
N GLU A 203 -19.31 19.76 16.95
CA GLU A 203 -19.57 20.48 18.20
C GLU A 203 -18.47 20.28 19.22
N ASN A 204 -17.94 19.06 19.32
CA ASN A 204 -16.96 18.77 20.37
C ASN A 204 -15.64 18.22 19.88
N ASN A 205 -15.45 18.16 18.56
CA ASN A 205 -14.20 17.68 17.98
C ASN A 205 -13.77 16.29 18.45
N ARG A 206 -14.77 15.46 18.75
CA ARG A 206 -14.56 14.08 19.14
C ARG A 206 -15.21 13.16 18.11
N TYR A 207 -14.84 11.88 18.15
CA TYR A 207 -15.02 11.01 16.98
C TYR A 207 -16.01 9.89 17.22
N LEU A 208 -16.75 9.56 16.17
CA LEU A 208 -17.72 8.45 16.17
C LEU A 208 -17.01 7.14 16.52
N THR A 209 -17.39 6.54 17.65
CA THR A 209 -16.63 5.42 18.21
C THR A 209 -17.58 4.36 18.79
N TRP A 210 -17.32 3.09 18.49
CA TRP A 210 -18.05 1.96 19.10
C TRP A 210 -17.59 1.77 20.54
N ILE A 211 -18.53 1.92 21.47
CA ILE A 211 -18.28 1.61 22.88
C ILE A 211 -18.77 0.19 23.15
N GLN A 212 -17.82 -0.71 23.32
CA GLN A 212 -18.10 -2.14 23.45
C GLN A 212 -18.54 -2.52 24.86
N ASN A 213 -19.84 -2.79 24.96
CA ASN A 213 -20.47 -3.45 26.10
C ASN A 213 -21.82 -3.99 25.61
N SER A 214 -22.68 -4.47 26.50
CA SER A 214 -23.92 -5.10 26.06
C SER A 214 -24.88 -4.17 25.32
N ASN A 215 -24.68 -2.85 25.48
CA ASN A 215 -25.50 -1.86 24.79
C ASN A 215 -24.99 -1.54 23.39
N ASN A 216 -23.68 -1.66 23.17
CA ASN A 216 -23.07 -1.41 21.86
C ASN A 216 -23.43 -0.05 21.24
N TYR A 217 -23.55 0.97 22.08
CA TYR A 217 -23.78 2.32 21.62
C TYR A 217 -22.56 2.90 20.91
N VAL A 218 -22.81 3.76 19.94
CA VAL A 218 -21.78 4.66 19.45
C VAL A 218 -21.82 5.98 20.21
N GLU A 219 -20.63 6.51 20.48
CA GLU A 219 -20.44 7.74 21.23
C GLU A 219 -19.34 8.56 20.58
N THR A 220 -19.31 9.86 20.86
CA THR A 220 -18.13 10.65 20.55
C THR A 220 -17.06 10.32 21.59
N TYR A 221 -15.84 10.13 21.13
CA TYR A 221 -14.74 9.72 21.98
C TYR A 221 -13.48 10.42 21.52
N GLN A 222 -12.54 10.62 22.43
CA GLN A 222 -11.24 11.19 22.06
C GLN A 222 -10.52 10.35 21.02
N SER A 223 -9.56 10.96 20.34
CA SER A 223 -8.77 10.27 19.35
C SER A 223 -8.11 9.04 20.00
N THR A 224 -8.20 7.91 19.29
CA THR A 224 -7.54 6.68 19.69
C THR A 224 -7.04 5.94 18.46
N ASP A 225 -6.01 5.12 18.65
CA ASP A 225 -5.54 4.23 17.60
C ASP A 225 -6.37 2.93 17.54
N SER A 226 -7.26 2.72 18.50
CA SER A 226 -8.05 1.50 18.55
CA SER A 226 -8.08 1.50 18.56
C SER A 226 -9.06 1.45 17.40
N LEU A 227 -9.23 0.25 16.84
CA LEU A 227 -10.05 0.02 15.66
C LEU A 227 -11.50 0.47 15.80
N ILE A 228 -12.00 0.52 17.05
CA ILE A 228 -13.37 0.96 17.34
C ILE A 228 -13.74 2.35 16.79
N GLN A 229 -12.74 3.17 16.48
CA GLN A 229 -12.97 4.53 16.00
C GLN A 229 -12.92 4.66 14.48
N TYR A 230 -12.73 3.54 13.78
CA TYR A 230 -12.48 3.58 12.33
C TYR A 230 -13.54 2.81 11.58
N TRP A 231 -13.91 3.35 10.42
CA TRP A 231 -15.08 2.90 9.69
C TRP A 231 -14.78 2.72 8.21
N ASN A 232 -15.14 1.55 7.68
CA ASN A 232 -15.15 1.35 6.25
CA ASN A 232 -15.14 1.35 6.24
C ASN A 232 -16.47 1.87 5.72
N ILE A 233 -16.41 3.01 5.02
CA ILE A 233 -17.59 3.63 4.45
C ILE A 233 -17.73 3.07 3.04
N ASN A 234 -18.84 2.40 2.77
CA ASN A 234 -19.03 1.78 1.46
C ASN A 234 -20.42 2.08 0.95
N TYR A 235 -20.64 1.92 -0.35
CA TYR A 235 -21.98 1.93 -0.88
C TYR A 235 -22.65 0.62 -0.53
N LEU A 236 -23.97 0.63 -0.46
CA LEU A 236 -24.72 -0.61 -0.39
CA LEU A 236 -24.71 -0.63 -0.40
C LEU A 236 -24.25 -1.48 -1.57
N ASP A 237 -24.26 -2.79 -1.40
CA ASP A 237 -23.69 -3.71 -2.39
C ASP A 237 -24.10 -3.38 -3.83
N ASN A 238 -25.38 -3.12 -4.03
CA ASN A 238 -25.90 -2.83 -5.37
C ASN A 238 -26.69 -1.53 -5.45
N ASP A 239 -26.32 -0.53 -4.65
CA ASP A 239 -26.97 0.77 -4.68
C ASP A 239 -25.98 1.86 -4.27
N ALA A 240 -25.52 2.65 -5.22
CA ALA A 240 -24.52 3.67 -4.98
C ALA A 240 -25.11 4.97 -4.41
N SER A 241 -26.41 4.97 -4.13
CA SER A 241 -27.07 6.15 -3.54
C SER A 241 -27.16 6.10 -2.03
N LYS A 242 -26.77 4.98 -1.45
CA LYS A 242 -26.87 4.76 -0.01
C LYS A 242 -25.57 4.11 0.48
N TYR A 243 -25.31 4.26 1.78
CA TYR A 243 -24.06 3.83 2.38
C TYR A 243 -24.27 2.89 3.56
N ILE A 244 -23.26 2.05 3.79
CA ILE A 244 -23.12 1.19 4.96
C ILE A 244 -21.77 1.57 5.61
N LEU A 245 -21.74 1.63 6.92
CA LEU A 245 -20.50 1.92 7.64
C LEU A 245 -20.14 0.76 8.53
N TYR A 246 -19.10 0.02 8.10
CA TYR A 246 -18.60 -1.15 8.83
C TYR A 246 -17.54 -0.73 9.83
N ASN A 247 -17.62 -1.22 11.05
CA ASN A 247 -16.62 -0.85 12.06
C ASN A 247 -15.38 -1.74 11.97
N LEU A 248 -14.18 -1.15 12.01
CA LEU A 248 -12.96 -1.94 11.81
C LEU A 248 -12.68 -2.93 12.95
N GLN A 249 -13.22 -2.68 14.13
CA GLN A 249 -13.03 -3.64 15.24
C GLN A 249 -13.69 -4.99 14.92
N ASP A 250 -14.79 -4.96 14.19
CA ASP A 250 -15.44 -6.17 13.72
C ASP A 250 -16.23 -5.79 12.48
N THR A 251 -15.67 -6.08 11.31
CA THR A 251 -16.23 -5.61 10.06
C THR A 251 -17.51 -6.34 9.64
N ASN A 252 -17.96 -7.32 10.43
CA ASN A 252 -19.30 -7.87 10.26
CA ASN A 252 -19.32 -7.84 10.23
C ASN A 252 -20.36 -7.02 10.96
N ARG A 253 -19.93 -5.95 11.65
CA ARG A 253 -20.84 -5.10 12.40
C ARG A 253 -20.79 -3.67 11.88
N VAL A 254 -21.96 -3.04 11.89
CA VAL A 254 -22.19 -1.79 11.19
C VAL A 254 -22.98 -0.79 12.02
N LEU A 255 -22.87 0.48 11.62
CA LEU A 255 -23.63 1.56 12.20
C LEU A 255 -25.13 1.30 11.96
N ASP A 256 -25.90 1.30 13.04
CA ASP A 256 -27.26 0.79 13.01
CA ASP A 256 -27.26 0.77 13.01
C ASP A 256 -28.17 1.58 13.94
N VAL A 257 -29.43 1.68 13.57
CA VAL A 257 -30.44 2.36 14.39
C VAL A 257 -31.17 1.33 15.25
N TYR A 258 -31.08 1.51 16.56
CA TYR A 258 -31.69 0.57 17.52
C TYR A 258 -33.18 0.30 17.26
N ASN A 259 -33.48 -0.98 17.07
CA ASN A 259 -34.85 -1.47 16.84
C ASN A 259 -35.55 -0.75 15.68
N SER A 260 -34.77 -0.17 14.78
CA SER A 260 -35.31 0.58 13.64
CA SER A 260 -35.29 0.56 13.64
C SER A 260 -36.29 1.67 14.04
N GLN A 261 -36.12 2.22 15.25
CA GLN A 261 -36.98 3.30 15.70
C GLN A 261 -36.57 4.63 15.10
N ILE A 262 -37.52 5.54 14.91
CA ILE A 262 -37.23 6.83 14.28
C ILE A 262 -37.37 8.02 15.23
N ALA A 263 -37.80 7.81 16.46
CA ALA A 263 -38.02 8.94 17.36
C ALA A 263 -36.71 9.67 17.66
N ASN A 264 -36.81 10.99 17.82
CA ASN A 264 -35.70 11.78 18.31
C ASN A 264 -35.17 11.11 19.59
N GLY A 265 -33.86 10.92 19.68
CA GLY A 265 -33.24 10.29 20.83
C GLY A 265 -32.93 8.81 20.66
N THR A 266 -33.42 8.21 19.57
CA THR A 266 -33.20 6.77 19.35
C THR A 266 -31.71 6.47 19.32
N HIS A 267 -31.26 5.47 20.07
CA HIS A 267 -29.84 5.09 20.08
C HIS A 267 -29.36 4.63 18.72
N VAL A 268 -28.17 5.10 18.37
CA VAL A 268 -27.41 4.53 17.27
C VAL A 268 -26.38 3.58 17.90
N ILE A 269 -26.22 2.43 17.28
CA ILE A 269 -25.45 1.32 17.82
C ILE A 269 -24.58 0.68 16.73
N VAL A 270 -23.77 -0.30 17.14
CA VAL A 270 -23.04 -1.16 16.19
C VAL A 270 -23.59 -2.56 16.39
N ASP A 271 -24.11 -3.14 15.30
CA ASP A 271 -24.77 -4.44 15.36
C ASP A 271 -24.41 -5.25 14.12
N SER A 272 -24.70 -6.54 14.16
CA SER A 272 -24.37 -7.43 13.05
CA SER A 272 -24.35 -7.43 13.05
C SER A 272 -25.05 -7.02 11.76
N TYR A 273 -24.31 -7.11 10.65
CA TYR A 273 -24.83 -6.75 9.34
C TYR A 273 -26.02 -7.59 8.93
N HIS A 274 -27.06 -6.93 8.45
CA HIS A 274 -28.13 -7.57 7.68
C HIS A 274 -28.46 -6.81 6.41
N GLY A 275 -28.16 -5.52 6.37
CA GLY A 275 -28.35 -4.72 5.16
C GLY A 275 -29.72 -4.10 5.02
N ASN A 276 -30.54 -4.18 6.06
CA ASN A 276 -31.88 -3.58 6.04
C ASN A 276 -31.77 -2.06 6.17
N THR A 277 -32.90 -1.37 6.05
CA THR A 277 -32.87 0.08 5.98
C THR A 277 -32.34 0.78 7.24
N ASN A 278 -32.44 0.12 8.40
CA ASN A 278 -31.89 0.69 9.63
C ASN A 278 -30.36 0.71 9.68
N GLN A 279 -29.74 0.06 8.69
CA GLN A 279 -28.27 0.05 8.56
C GLN A 279 -27.81 0.87 7.34
N GLN A 280 -28.74 1.53 6.66
CA GLN A 280 -28.43 2.28 5.44
C GLN A 280 -28.44 3.76 5.77
N TRP A 281 -27.45 4.50 5.25
CA TRP A 281 -27.26 5.92 5.56
C TRP A 281 -27.12 6.73 4.27
N ILE A 282 -27.68 7.94 4.28
CA ILE A 282 -27.56 8.87 3.15
C ILE A 282 -26.58 9.93 3.60
N ILE A 283 -25.43 9.99 2.96
CA ILE A 283 -24.39 10.97 3.32
C ILE A 283 -24.45 12.10 2.33
N ASN A 284 -24.60 13.32 2.85
CA ASN A 284 -24.53 14.51 2.01
C ASN A 284 -23.56 15.52 2.55
N LEU A 285 -22.99 16.28 1.64
CA LEU A 285 -22.11 17.38 1.97
C LEU A 285 -22.96 18.49 2.54
N ILE A 286 -22.53 19.05 3.66
CA ILE A 286 -23.17 20.23 4.22
C ILE A 286 -23.08 21.37 3.20
N GLN B 3 -0.85 -7.52 7.50
CA GLN B 3 -0.61 -6.66 6.31
C GLN B 3 0.46 -5.61 6.63
N THR B 4 1.31 -5.31 5.65
CA THR B 4 2.29 -4.24 5.76
C THR B 4 2.55 -3.64 4.39
N ASN B 5 2.91 -2.36 4.34
CA ASN B 5 3.41 -1.76 3.09
C ASN B 5 4.94 -1.82 2.96
N ALA B 6 5.60 -2.47 3.90
CA ALA B 6 7.07 -2.53 3.91
C ALA B 6 7.66 -3.30 2.73
N ASN B 7 6.88 -4.18 2.12
CA ASN B 7 7.33 -4.98 0.99
C ASN B 7 6.94 -4.39 -0.37
N ASP B 8 6.44 -3.16 -0.38
CA ASP B 8 6.00 -2.56 -1.64
C ASP B 8 7.20 -2.35 -2.57
N LEU B 9 6.92 -2.32 -3.87
CA LEU B 9 7.96 -2.33 -4.90
C LEU B 9 8.54 -0.94 -5.13
N ARG B 10 9.10 -0.38 -4.07
CA ARG B 10 9.69 0.96 -4.10
C ARG B 10 11.05 0.96 -4.78
N ASN B 11 11.33 2.06 -5.47
CA ASN B 11 12.63 2.28 -6.08
C ASN B 11 13.76 2.16 -5.05
N ASN B 12 14.79 1.42 -5.44
CA ASN B 12 16.03 1.26 -4.66
C ASN B 12 15.94 0.40 -3.41
N GLU B 13 14.76 -0.15 -3.12
CA GLU B 13 14.65 -1.16 -2.08
C GLU B 13 15.15 -2.51 -2.57
N VAL B 14 15.49 -3.37 -1.61
CA VAL B 14 16.19 -4.61 -1.84
C VAL B 14 15.36 -5.79 -1.31
N PHE B 15 15.27 -6.84 -2.12
CA PHE B 15 14.32 -7.93 -1.89
C PHE B 15 14.89 -9.32 -2.06
N PHE B 16 14.28 -10.27 -1.37
CA PHE B 16 14.28 -11.67 -1.76
C PHE B 16 13.12 -11.86 -2.73
N ILE B 17 13.40 -12.54 -3.83
CA ILE B 17 12.38 -12.85 -4.85
C ILE B 17 12.16 -14.35 -4.82
N SER B 18 10.93 -14.75 -4.48
CA SER B 18 10.61 -16.17 -4.28
CA SER B 18 10.59 -16.16 -4.25
C SER B 18 9.43 -16.60 -5.12
N PRO B 19 9.33 -17.91 -5.41
CA PRO B 19 8.07 -18.39 -5.96
C PRO B 19 6.94 -18.07 -5.00
N SER B 20 5.75 -17.80 -5.51
CA SER B 20 4.62 -17.35 -4.69
C SER B 20 4.23 -18.32 -3.59
N ASN B 21 4.43 -19.60 -3.85
CA ASN B 21 4.02 -20.63 -2.90
C ASN B 21 5.12 -21.14 -1.98
N ASN B 22 6.37 -20.69 -2.16
CA ASN B 22 7.46 -21.13 -1.30
C ASN B 22 8.42 -19.99 -0.98
N THR B 23 8.15 -19.30 0.12
CA THR B 23 8.94 -18.17 0.56
C THR B 23 10.36 -18.56 1.00
N ASN B 24 10.61 -19.85 1.18
CA ASN B 24 11.97 -20.29 1.56
C ASN B 24 12.86 -20.65 0.37
N LYS B 25 12.34 -20.55 -0.86
CA LYS B 25 13.18 -20.62 -2.08
C LYS B 25 13.31 -19.22 -2.63
N VAL B 26 14.54 -18.81 -2.96
CA VAL B 26 14.78 -17.45 -3.43
C VAL B 26 15.70 -17.42 -4.65
N LEU B 27 15.54 -16.37 -5.45
CA LEU B 27 16.41 -16.14 -6.59
C LEU B 27 17.84 -15.97 -6.08
N ASP B 28 18.77 -16.70 -6.68
CA ASP B 28 20.13 -16.83 -6.15
C ASP B 28 21.13 -16.80 -7.29
N LYS B 29 22.09 -15.88 -7.22
CA LYS B 29 23.20 -15.84 -8.17
C LYS B 29 24.18 -16.94 -7.75
N ILE B 30 24.24 -18.01 -8.52
CA ILE B 30 25.00 -19.22 -8.16
C ILE B 30 26.39 -19.27 -8.78
N SER B 31 26.68 -18.32 -9.67
CA SER B 31 27.97 -18.28 -10.35
C SER B 31 28.23 -16.87 -10.86
N GLN B 32 29.28 -16.70 -11.65
CA GLN B 32 29.58 -15.39 -12.22
C GLN B 32 28.45 -14.88 -13.09
N SER B 33 27.68 -15.79 -13.69
CA SER B 33 26.61 -15.41 -14.59
C SER B 33 25.25 -16.06 -14.37
N GLU B 34 25.17 -17.18 -13.65
CA GLU B 34 23.92 -17.93 -13.58
C GLU B 34 23.09 -17.60 -12.36
N VAL B 35 21.77 -17.74 -12.51
CA VAL B 35 20.84 -17.64 -11.40
C VAL B 35 19.95 -18.88 -11.38
N LYS B 36 19.63 -19.34 -10.18
CA LYS B 36 18.70 -20.44 -9.95
C LYS B 36 17.95 -20.08 -8.68
N LEU B 37 16.84 -20.77 -8.42
CA LEU B 37 16.25 -20.73 -7.10
C LEU B 37 17.12 -21.57 -6.17
N TRP B 38 17.21 -21.12 -4.93
CA TRP B 38 17.98 -21.82 -3.91
C TRP B 38 17.28 -21.65 -2.58
N ASN B 39 17.54 -22.56 -1.64
CA ASN B 39 17.03 -22.40 -0.29
C ASN B 39 17.54 -21.08 0.32
N LYS B 40 16.70 -20.39 1.07
CA LYS B 40 17.06 -19.09 1.61
C LYS B 40 18.19 -19.18 2.64
N LEU B 41 19.23 -18.39 2.43
CA LEU B 41 20.42 -18.31 3.32
C LEU B 41 20.70 -16.85 3.72
N SER B 42 19.88 -15.92 3.23
CA SER B 42 20.06 -14.47 3.46
C SER B 42 21.46 -13.90 3.08
N GLY B 43 22.19 -14.58 2.18
CA GLY B 43 23.50 -14.10 1.68
C GLY B 43 23.25 -13.04 0.61
N ALA B 44 24.25 -12.23 0.28
CA ALA B 44 24.03 -11.05 -0.60
C ALA B 44 23.73 -11.44 -2.04
N ASN B 45 24.16 -12.64 -2.44
CA ASN B 45 23.84 -13.19 -3.75
C ASN B 45 22.39 -13.62 -3.89
N GLN B 46 21.63 -13.48 -2.80
CA GLN B 46 20.18 -13.71 -2.81
C GLN B 46 19.38 -12.43 -2.65
N LYS B 47 20.04 -11.27 -2.75
CA LYS B 47 19.39 -9.98 -2.49
C LYS B 47 19.42 -9.12 -3.75
N TRP B 48 18.29 -8.49 -4.08
CA TRP B 48 18.10 -7.85 -5.39
C TRP B 48 17.52 -6.46 -5.21
N ARG B 49 18.23 -5.45 -5.71
CA ARG B 49 17.77 -4.08 -5.66
C ARG B 49 16.96 -3.74 -6.91
N LEU B 50 15.82 -3.09 -6.72
CA LEU B 50 14.99 -2.61 -7.82
C LEU B 50 15.43 -1.20 -8.19
N ILE B 51 15.70 -0.97 -9.48
CA ILE B 51 16.08 0.33 -9.99
C ILE B 51 15.08 0.74 -11.08
N TYR B 52 14.20 1.67 -10.76
CA TYR B 52 13.10 2.05 -11.64
C TYR B 52 13.52 3.07 -12.67
N ASP B 53 12.97 2.94 -13.88
CA ASP B 53 13.12 3.91 -14.95
C ASP B 53 11.75 4.50 -15.22
N THR B 54 11.59 5.81 -15.02
CA THR B 54 10.28 6.43 -15.15
C THR B 54 9.79 6.50 -16.61
N ASN B 55 10.71 6.58 -17.55
CA ASN B 55 10.33 6.66 -18.97
CA ASN B 55 10.34 6.64 -18.97
C ASN B 55 9.79 5.31 -19.44
N LYS B 56 10.49 4.24 -19.11
CA LYS B 56 10.06 2.90 -19.48
C LYS B 56 8.96 2.36 -18.58
N GLN B 57 8.80 2.93 -17.38
CA GLN B 57 7.89 2.39 -16.37
C GLN B 57 8.20 0.92 -16.08
N ALA B 58 9.50 0.63 -15.98
CA ALA B 58 10.01 -0.72 -15.78
C ALA B 58 11.26 -0.63 -14.93
N TYR B 59 11.72 -1.78 -14.43
CA TYR B 59 12.80 -1.83 -13.47
C TYR B 59 13.97 -2.68 -13.95
N LYS B 60 15.18 -2.30 -13.56
CA LYS B 60 16.31 -3.22 -13.50
C LYS B 60 16.31 -3.91 -12.14
N ILE B 61 16.86 -5.11 -12.10
CA ILE B 61 16.89 -5.96 -10.92
C ILE B 61 18.35 -6.34 -10.70
N LYS B 62 18.97 -5.68 -9.72
CA LYS B 62 20.43 -5.75 -9.54
C LYS B 62 20.84 -6.60 -8.34
N VAL B 63 21.72 -7.56 -8.55
CA VAL B 63 22.20 -8.39 -7.46
C VAL B 63 23.06 -7.52 -6.53
N MET B 64 23.03 -7.83 -5.23
CA MET B 64 23.68 -7.00 -4.22
C MET B 64 24.95 -7.63 -3.62
N ASP B 65 25.61 -8.50 -4.38
CA ASP B 65 26.80 -9.20 -3.88
C ASP B 65 28.10 -8.45 -4.20
N ASN B 66 27.96 -7.23 -4.73
CA ASN B 66 29.03 -6.30 -5.12
C ASN B 66 29.51 -6.42 -6.58
N THR B 67 28.97 -7.38 -7.33
CA THR B 67 29.31 -7.52 -8.74
C THR B 67 28.52 -6.56 -9.63
N SER B 68 27.42 -6.00 -9.11
CA SER B 68 26.58 -5.02 -9.84
C SER B 68 25.87 -5.58 -11.08
N LEU B 69 25.85 -6.90 -11.24
CA LEU B 69 25.23 -7.49 -12.43
C LEU B 69 23.71 -7.45 -12.28
N ILE B 70 22.99 -7.39 -13.40
CA ILE B 70 21.54 -7.27 -13.36
C ILE B 70 20.84 -8.41 -14.08
N LEU B 71 19.65 -8.76 -13.62
CA LEU B 71 18.88 -9.87 -14.18
C LEU B 71 18.52 -9.60 -15.65
N THR B 72 18.87 -10.55 -16.50
CA THR B 72 18.86 -10.36 -17.95
C THR B 72 18.25 -11.56 -18.64
N TRP B 73 17.33 -11.30 -19.57
CA TRP B 73 16.77 -12.32 -20.43
C TRP B 73 17.75 -12.56 -21.56
N ASN B 74 18.19 -13.81 -21.71
CA ASN B 74 19.20 -14.17 -22.73
C ASN B 74 18.58 -14.32 -24.11
N ALA B 75 17.83 -13.31 -24.57
CA ALA B 75 17.14 -13.40 -25.86
C ALA B 75 18.17 -13.77 -26.92
N PRO B 76 17.79 -14.65 -27.87
CA PRO B 76 16.50 -15.25 -28.13
C PRO B 76 16.22 -16.56 -27.37
N LEU B 77 17.14 -16.99 -26.52
CA LEU B 77 16.92 -18.16 -25.68
C LEU B 77 15.94 -17.80 -24.58
N SER B 78 15.34 -18.80 -23.97
CA SER B 78 14.40 -18.59 -22.87
C SER B 78 15.09 -18.44 -21.53
N SER B 79 16.40 -18.68 -21.46
CA SER B 79 17.09 -18.60 -20.19
C SER B 79 17.31 -17.17 -19.72
N VAL B 80 17.62 -17.04 -18.44
CA VAL B 80 17.98 -15.76 -17.85
C VAL B 80 19.35 -15.90 -17.19
N SER B 81 20.00 -14.77 -17.00
CA SER B 81 21.30 -14.72 -16.36
C SER B 81 21.47 -13.40 -15.65
N VAL B 82 22.64 -13.18 -15.05
CA VAL B 82 23.02 -11.84 -14.65
C VAL B 82 24.16 -11.38 -15.54
N LYS B 83 24.04 -10.15 -16.03
CA LYS B 83 25.02 -9.58 -16.96
C LYS B 83 25.31 -8.14 -16.59
N THR B 84 26.41 -7.63 -17.11
CA THR B 84 26.72 -6.22 -16.99
C THR B 84 25.53 -5.37 -17.48
N ASP B 85 25.28 -4.27 -16.77
CA ASP B 85 24.24 -3.33 -17.15
C ASP B 85 24.68 -2.51 -18.36
N THR B 86 24.08 -2.80 -19.52
CA THR B 86 24.28 -2.00 -20.73
C THR B 86 22.96 -1.35 -21.17
N ASN B 87 22.04 -1.24 -20.22
CA ASN B 87 20.75 -0.59 -20.44
C ASN B 87 19.94 -1.24 -21.55
N GLY B 88 20.05 -2.56 -21.69
CA GLY B 88 19.35 -3.29 -22.72
C GLY B 88 17.87 -3.45 -22.42
N ASP B 89 17.04 -3.39 -23.46
CA ASP B 89 15.63 -3.70 -23.30
C ASP B 89 15.42 -5.03 -22.58
N ASN B 90 16.29 -6.01 -22.87
CA ASN B 90 16.19 -7.34 -22.27
C ASN B 90 16.55 -7.38 -20.78
N GLN B 91 17.05 -6.27 -20.27
CA GLN B 91 17.44 -6.13 -18.86
C GLN B 91 16.45 -5.29 -18.06
N TYR B 92 15.32 -4.94 -18.68
CA TYR B 92 14.25 -4.23 -17.98
C TYR B 92 13.06 -5.15 -17.81
N TRP B 93 12.34 -4.93 -16.71
CA TRP B 93 11.23 -5.78 -16.31
C TRP B 93 10.07 -4.96 -15.80
N TYR B 94 8.89 -5.22 -16.35
CA TYR B 94 7.67 -4.71 -15.78
C TYR B 94 7.37 -5.54 -14.52
N LEU B 95 7.22 -4.89 -13.39
CA LEU B 95 6.83 -5.56 -12.15
C LEU B 95 5.46 -5.02 -11.79
N LEU B 96 4.45 -5.86 -11.99
CA LEU B 96 3.07 -5.46 -11.76
C LEU B 96 2.53 -6.43 -10.72
N GLN B 97 1.83 -5.90 -9.73
CA GLN B 97 1.44 -6.67 -8.57
C GLN B 97 -0.05 -6.70 -8.33
N ASN B 98 -0.53 -7.87 -7.88
CA ASN B 98 -1.91 -8.04 -7.41
C ASN B 98 -1.92 -7.55 -5.97
N TYR B 99 -2.70 -6.52 -5.70
CA TYR B 99 -2.77 -5.89 -4.39
C TYR B 99 -3.14 -6.85 -3.26
N ILE B 100 -4.03 -7.80 -3.56
CA ILE B 100 -4.58 -8.71 -2.55
C ILE B 100 -3.67 -9.90 -2.30
N SER B 101 -3.29 -10.60 -3.37
CA SER B 101 -2.42 -11.78 -3.22
C SER B 101 -0.98 -11.41 -2.88
N ARG B 102 -0.59 -10.20 -3.27
CA ARG B 102 0.79 -9.69 -3.20
C ARG B 102 1.71 -10.30 -4.24
N ASN B 103 1.18 -11.16 -5.09
CA ASN B 103 1.99 -11.80 -6.13
C ASN B 103 2.31 -10.83 -7.25
N VAL B 104 3.52 -11.02 -7.81
CA VAL B 104 4.09 -10.14 -8.82
C VAL B 104 4.39 -10.98 -10.04
N ILE B 105 3.97 -10.46 -11.19
CA ILE B 105 4.34 -11.01 -12.48
C ILE B 105 5.56 -10.23 -12.96
N ILE B 106 6.63 -10.96 -13.26
CA ILE B 106 7.89 -10.37 -13.68
C ILE B 106 7.93 -10.47 -15.20
N ARG B 107 7.60 -9.38 -15.86
CA ARG B 107 7.34 -9.41 -17.29
C ARG B 107 8.48 -8.71 -18.03
N ASN B 108 9.02 -9.31 -19.09
CA ASN B 108 10.15 -8.70 -19.73
C ASN B 108 9.77 -7.48 -20.59
N TYR B 109 10.55 -6.42 -20.49
CA TYR B 109 10.29 -5.19 -21.23
C TYR B 109 10.53 -5.35 -22.73
N MET B 110 11.57 -6.11 -23.11
CA MET B 110 11.85 -6.32 -24.53
C MET B 110 10.73 -7.07 -25.24
N ASN B 111 10.14 -8.05 -24.57
CA ASN B 111 8.99 -8.77 -25.11
C ASN B 111 7.99 -9.06 -23.99
N PRO B 112 6.99 -8.17 -23.81
CA PRO B 112 6.06 -8.32 -22.68
C PRO B 112 5.05 -9.44 -22.86
N ASN B 113 5.13 -10.18 -23.95
CA ASN B 113 4.42 -11.47 -24.02
C ASN B 113 5.08 -12.54 -23.15
N LEU B 114 6.29 -12.28 -22.67
CA LEU B 114 7.05 -13.27 -21.92
C LEU B 114 7.19 -12.84 -20.47
N VAL B 115 6.98 -13.81 -19.58
CA VAL B 115 7.08 -13.58 -18.15
C VAL B 115 8.03 -14.59 -17.56
N LEU B 116 8.67 -14.20 -16.46
CA LEU B 116 9.54 -15.09 -15.73
C LEU B 116 8.72 -16.23 -15.14
N GLN B 117 9.33 -17.39 -15.12
CA GLN B 117 8.68 -18.60 -14.64
C GLN B 117 9.74 -19.45 -13.99
N TYR B 118 9.37 -20.11 -12.91
CA TYR B 118 10.29 -21.05 -12.25
C TYR B 118 9.90 -22.45 -12.66
N ASN B 119 10.91 -23.28 -12.86
CA ASN B 119 10.73 -24.65 -13.27
C ASN B 119 10.91 -25.61 -12.10
N ILE B 120 10.50 -26.86 -12.31
CA ILE B 120 10.54 -27.86 -11.24
C ILE B 120 11.97 -28.24 -10.83
N ASP B 121 12.95 -27.90 -11.67
CA ASP B 121 14.36 -28.15 -11.36
C ASP B 121 15.07 -26.88 -10.83
N ASP B 122 14.29 -25.92 -10.35
CA ASP B 122 14.80 -24.66 -9.77
C ASP B 122 15.41 -23.67 -10.76
N THR B 123 15.35 -23.98 -12.04
CA THR B 123 15.84 -23.04 -13.03
C THR B 123 14.74 -22.02 -13.34
N LEU B 124 15.14 -20.89 -13.88
CA LEU B 124 14.22 -19.83 -14.27
C LEU B 124 14.26 -19.71 -15.79
N MET B 125 13.18 -19.24 -16.37
CA MET B 125 13.14 -18.98 -17.80
C MET B 125 12.07 -17.95 -18.04
N VAL B 126 12.01 -17.41 -19.25
CA VAL B 126 10.84 -16.63 -19.64
C VAL B 126 9.97 -17.46 -20.57
N SER B 127 8.66 -17.24 -20.48
CA SER B 127 7.70 -17.99 -21.30
CA SER B 127 7.68 -18.01 -21.23
C SER B 127 6.38 -17.22 -21.40
N THR B 128 5.53 -17.65 -22.33
CA THR B 128 4.22 -17.02 -22.46
C THR B 128 3.35 -17.27 -21.23
N GLN B 129 2.43 -16.34 -20.98
CA GLN B 129 1.67 -16.33 -19.73
C GLN B 129 0.57 -17.38 -19.71
N THR B 130 0.43 -18.02 -18.55
CA THR B 130 -0.62 -19.00 -18.31
C THR B 130 -1.50 -18.51 -17.15
N SER B 131 -2.16 -19.43 -16.44
CA SER B 131 -2.87 -19.08 -15.21
C SER B 131 -2.13 -19.65 -14.00
N SER B 132 -0.93 -20.20 -14.24
CA SER B 132 -0.22 -20.98 -13.23
C SER B 132 0.56 -20.11 -12.25
N SER B 133 0.61 -20.58 -11.00
CA SER B 133 1.39 -19.91 -9.97
C SER B 133 2.88 -20.06 -10.19
N ASN B 134 3.33 -20.87 -11.16
CA ASN B 134 4.76 -20.92 -11.49
C ASN B 134 5.27 -19.66 -12.21
N GLN B 135 4.36 -18.74 -12.49
CA GLN B 135 4.73 -17.40 -12.98
C GLN B 135 4.46 -16.29 -11.95
N PHE B 136 4.14 -16.66 -10.72
CA PHE B 136 3.83 -15.71 -9.67
C PHE B 136 4.96 -15.70 -8.65
N PHE B 137 5.41 -14.50 -8.30
CA PHE B 137 6.55 -14.31 -7.39
C PHE B 137 6.16 -13.43 -6.22
N LYS B 138 6.77 -13.66 -5.07
CA LYS B 138 6.65 -12.74 -3.95
C LYS B 138 7.97 -12.01 -3.74
N PHE B 139 7.84 -10.74 -3.38
CA PHE B 139 8.97 -9.84 -3.12
C PHE B 139 8.95 -9.51 -1.64
N SER B 140 10.02 -9.88 -0.94
CA SER B 140 10.11 -9.69 0.51
C SER B 140 11.27 -8.76 0.78
N ASN B 141 10.97 -7.58 1.33
CA ASN B 141 12.00 -6.59 1.63
C ASN B 141 12.97 -7.16 2.67
N CYS B 142 14.25 -7.24 2.31
CA CYS B 142 15.23 -7.93 3.17
C CYS B 142 15.42 -7.29 4.54
N ILE B 143 15.52 -5.97 4.55
CA ILE B 143 15.79 -5.23 5.80
C ILE B 143 14.61 -5.34 6.76
N TYR B 144 13.39 -5.30 6.24
CA TYR B 144 12.21 -5.45 7.06
C TYR B 144 12.17 -6.84 7.69
N GLU B 145 12.45 -7.87 6.89
CA GLU B 145 12.53 -9.25 7.38
C GLU B 145 13.57 -9.40 8.48
N ALA B 146 14.68 -8.67 8.36
CA ALA B 146 15.81 -8.85 9.27
C ALA B 146 15.69 -8.08 10.59
N LEU B 147 15.22 -6.82 10.55
CA LEU B 147 15.29 -5.90 11.70
CA LEU B 147 15.28 -5.98 11.75
C LEU B 147 13.96 -5.43 12.29
N ASN B 148 12.84 -5.68 11.61
CA ASN B 148 11.62 -5.07 12.15
C ASN B 148 11.24 -5.62 13.53
N ASN B 149 10.94 -4.70 14.43
CA ASN B 149 10.58 -5.02 15.82
C ASN B 149 11.70 -5.74 16.57
N ARG B 150 12.95 -5.51 16.16
CA ARG B 150 14.09 -6.16 16.78
C ARG B 150 14.92 -5.17 17.57
N ASN B 151 15.43 -5.65 18.69
CA ASN B 151 16.38 -4.92 19.52
C ASN B 151 17.76 -5.04 18.86
N CYS B 152 18.34 -3.90 18.50
CA CYS B 152 19.59 -3.88 17.71
C CYS B 152 20.64 -2.97 18.29
N LYS B 153 21.88 -3.18 17.87
CA LYS B 153 22.98 -2.28 18.13
C LYS B 153 23.50 -1.79 16.77
N LEU B 154 23.98 -0.56 16.73
CA LEU B 154 24.44 0.06 15.51
C LEU B 154 25.82 0.59 15.74
N GLN B 155 26.74 0.20 14.89
CA GLN B 155 28.10 0.66 15.04
CA GLN B 155 28.11 0.63 15.05
C GLN B 155 28.67 1.22 13.76
N THR B 156 29.61 2.13 13.91
CA THR B 156 30.21 2.77 12.77
C THR B 156 31.24 1.85 12.10
N GLN B 157 31.32 1.97 10.79
CA GLN B 157 32.36 1.28 10.03
C GLN B 157 33.74 1.87 10.30
N LEU B 158 33.83 3.04 10.93
CA LEU B 158 35.13 3.69 11.13
C LEU B 158 36.12 2.88 11.98
N ASN B 159 35.60 2.16 12.98
CA ASN B 159 36.44 1.45 13.96
C ASN B 159 35.60 0.41 14.70
N SER B 160 36.22 -0.70 15.09
CA SER B 160 35.53 -1.92 15.56
C SER B 160 34.62 -1.87 16.80
N ASP B 161 34.82 -0.94 17.67
CA ASP B 161 34.01 -0.97 18.90
C ASP B 161 33.54 0.43 19.20
N ARG B 162 32.73 0.97 18.29
CA ARG B 162 32.18 2.31 18.44
C ARG B 162 30.72 2.31 18.03
N PHE B 163 29.87 2.40 19.04
CA PHE B 163 28.44 2.19 18.90
C PHE B 163 27.63 3.46 19.09
N LEU B 164 26.52 3.52 18.38
CA LEU B 164 25.52 4.56 18.55
C LEU B 164 24.96 4.48 19.97
N SER B 165 25.19 5.54 20.75
CA SER B 165 24.93 5.52 22.19
C SER B 165 24.35 6.83 22.67
N LYS B 166 23.20 6.78 23.35
CA LYS B 166 22.72 7.94 24.12
C LYS B 166 23.75 8.21 25.21
N ASN B 167 24.11 9.47 25.42
CA ASN B 167 25.07 9.80 26.46
C ASN B 167 24.43 9.63 27.83
N LEU B 168 25.26 9.41 28.85
CA LEU B 168 24.79 9.31 30.23
C LEU B 168 24.16 10.63 30.69
N ASN B 169 22.94 10.56 31.20
CA ASN B 169 22.22 11.74 31.73
C ASN B 169 22.11 12.90 30.74
N SER B 170 22.03 12.57 29.45
CA SER B 170 21.88 13.53 28.38
C SER B 170 21.06 12.88 27.27
N GLN B 171 20.39 13.67 26.44
CA GLN B 171 19.67 13.15 25.27
C GLN B 171 20.55 13.04 24.03
N ILE B 172 21.75 13.60 24.10
CA ILE B 172 22.61 13.67 22.93
C ILE B 172 23.21 12.30 22.65
N ILE B 173 23.23 11.94 21.37
CA ILE B 173 23.68 10.64 20.91
C ILE B 173 25.10 10.76 20.31
N VAL B 174 25.96 9.87 20.77
CA VAL B 174 27.39 9.90 20.48
C VAL B 174 27.90 8.51 20.14
N LEU B 175 29.16 8.41 19.74
CA LEU B 175 29.83 7.12 19.67
C LEU B 175 30.34 6.74 21.03
N TRP B 176 30.27 5.46 21.36
CA TRP B 176 30.92 4.94 22.56
C TRP B 176 31.24 3.46 22.41
N GLN B 177 32.33 3.02 23.04
CA GLN B 177 32.64 1.61 23.17
C GLN B 177 31.46 0.87 23.79
N TRP B 178 31.28 -0.40 23.41
CA TRP B 178 30.19 -1.22 23.91
C TRP B 178 30.39 -1.52 25.40
N ILE B 179 29.34 -1.24 26.19
CA ILE B 179 29.24 -1.76 27.56
C ILE B 179 27.89 -2.43 27.84
N ASP B 180 27.23 -2.89 26.79
CA ASP B 180 25.95 -3.55 26.91
C ASP B 180 24.95 -2.69 27.69
N SER B 181 25.02 -1.37 27.49
CA SER B 181 24.11 -0.45 28.17
C SER B 181 22.80 -0.32 27.42
N SER B 182 21.70 -0.12 28.15
CA SER B 182 20.41 0.20 27.54
C SER B 182 20.50 1.47 26.69
N ARG B 183 21.51 2.30 26.97
CA ARG B 183 21.77 3.51 26.16
C ARG B 183 22.26 3.19 24.75
N GLN B 184 22.65 1.94 24.52
CA GLN B 184 23.26 1.52 23.26
C GLN B 184 22.42 0.50 22.53
N LYS B 185 21.18 0.32 22.98
CA LYS B 185 20.26 -0.67 22.41
C LYS B 185 19.04 0.05 21.84
N TRP B 186 18.69 -0.33 20.61
CA TRP B 186 17.72 0.41 19.82
C TRP B 186 16.73 -0.57 19.23
N ILE B 187 15.45 -0.41 19.57
CA ILE B 187 14.42 -1.19 18.92
C ILE B 187 14.05 -0.49 17.63
N ILE B 188 14.23 -1.22 16.53
CA ILE B 188 13.97 -0.71 15.19
C ILE B 188 12.57 -1.14 14.83
N GLU B 189 11.72 -0.16 14.54
CA GLU B 189 10.30 -0.43 14.29
C GLU B 189 9.85 0.30 13.05
N TYR B 190 9.26 -0.45 12.12
CA TYR B 190 8.74 0.12 10.89
C TYR B 190 7.43 0.82 11.19
N ASN B 191 7.33 2.05 10.71
CA ASN B 191 6.11 2.85 10.84
C ASN B 191 5.37 2.82 9.50
N GLU B 192 4.17 2.27 9.53
CA GLU B 192 3.39 2.06 8.31
C GLU B 192 2.98 3.38 7.67
N THR B 193 2.64 4.35 8.49
CA THR B 193 2.17 5.63 7.97
C THR B 193 3.26 6.37 7.21
N LYS B 194 4.48 6.37 7.77
CA LYS B 194 5.61 7.05 7.15
C LYS B 194 6.38 6.17 6.16
N SER B 195 6.12 4.87 6.20
CA SER B 195 6.86 3.88 5.41
C SER B 195 8.37 4.01 5.64
N ALA B 196 8.73 4.14 6.92
CA ALA B 196 10.11 4.31 7.34
C ALA B 196 10.23 3.89 8.79
N TYR B 197 11.44 3.86 9.30
CA TYR B 197 11.71 3.30 10.62
C TYR B 197 11.94 4.36 11.69
N THR B 198 11.51 4.02 12.90
CA THR B 198 11.99 4.73 14.08
C THR B 198 12.96 3.80 14.84
N LEU B 199 13.82 4.42 15.65
CA LEU B 199 14.77 3.68 16.46
C LEU B 199 14.64 4.18 17.90
N LYS B 200 14.20 3.27 18.78
CA LYS B 200 13.88 3.62 20.16
C LYS B 200 14.97 3.17 21.13
N CYS B 201 15.54 4.12 21.84
CA CYS B 201 16.55 3.84 22.85
C CYS B 201 15.96 3.09 24.04
N GLN B 202 16.58 1.97 24.41
CA GLN B 202 16.06 1.14 25.49
C GLN B 202 16.08 1.86 26.84
N GLU B 203 17.02 2.77 27.06
CA GLU B 203 17.17 3.39 28.38
CA GLU B 203 17.16 3.38 28.38
C GLU B 203 15.97 4.27 28.73
N ASN B 204 15.46 4.99 27.74
CA ASN B 204 14.43 5.99 28.01
C ASN B 204 13.20 5.94 27.11
N ASN B 205 13.11 4.93 26.24
CA ASN B 205 11.96 4.78 25.35
C ASN B 205 11.72 6.01 24.47
N ARG B 206 12.79 6.75 24.18
CA ARG B 206 12.72 7.89 23.29
C ARG B 206 13.54 7.59 22.02
N TYR B 207 13.32 8.37 20.98
CA TYR B 207 13.64 7.93 19.62
C TYR B 207 14.74 8.76 18.97
N LEU B 208 15.56 8.08 18.17
CA LEU B 208 16.62 8.74 17.39
C LEU B 208 16.01 9.81 16.48
N THR B 209 16.38 11.07 16.72
CA THR B 209 15.75 12.21 16.06
C THR B 209 16.78 13.26 15.69
N TRP B 210 16.64 13.81 14.49
CA TRP B 210 17.46 14.92 14.02
C TRP B 210 16.99 16.20 14.69
N ILE B 211 17.87 16.84 15.45
CA ILE B 211 17.57 18.13 16.06
C ILE B 211 18.19 19.17 15.13
N GLN B 212 17.32 19.90 14.43
CA GLN B 212 17.74 20.80 13.36
C GLN B 212 18.18 22.16 13.90
N ASN B 213 19.48 22.30 14.03
CA ASN B 213 20.14 23.59 14.25
C ASN B 213 21.56 23.46 13.67
N SER B 214 22.44 24.42 13.93
CA SER B 214 23.75 24.43 13.29
C SER B 214 24.61 23.22 13.66
N ASN B 215 24.36 22.64 14.84
CA ASN B 215 25.09 21.42 15.27
C ASN B 215 24.60 20.16 14.57
N ASN B 216 23.32 20.13 14.21
CA ASN B 216 22.72 18.99 13.51
C ASN B 216 22.92 17.65 14.21
N TYR B 217 22.96 17.69 15.54
CA TYR B 217 23.06 16.49 16.35
C TYR B 217 21.81 15.63 16.24
N VAL B 218 21.98 14.32 16.40
CA VAL B 218 20.87 13.43 16.71
C VAL B 218 20.78 13.31 18.22
N GLU B 219 19.54 13.23 18.69
CA GLU B 219 19.24 13.07 20.12
C GLU B 219 18.07 12.12 20.27
N THR B 220 17.89 11.58 21.47
CA THR B 220 16.63 10.89 21.79
C THR B 220 15.57 11.95 22.06
N TYR B 221 14.38 11.75 21.50
CA TYR B 221 13.31 12.75 21.53
C TYR B 221 11.98 12.03 21.68
N GLN B 222 11.02 12.72 22.27
CA GLN B 222 9.66 12.19 22.42
C GLN B 222 9.06 11.76 21.08
N SER B 223 8.09 10.85 21.13
CA SER B 223 7.39 10.45 19.93
C SER B 223 6.80 11.66 19.21
N THR B 224 7.00 11.72 17.89
CA THR B 224 6.46 12.79 17.06
C THR B 224 6.11 12.26 15.67
N ASP B 225 5.15 12.91 15.01
CA ASP B 225 4.83 12.63 13.62
C ASP B 225 5.72 13.38 12.64
N SER B 226 6.57 14.28 13.14
CA SER B 226 7.51 15.02 12.30
CA SER B 226 7.50 15.02 12.31
C SER B 226 8.55 14.08 11.68
N LEU B 227 8.89 14.37 10.43
CA LEU B 227 9.76 13.50 9.62
C LEU B 227 11.17 13.35 10.20
N ILE B 228 11.61 14.30 11.02
CA ILE B 228 12.92 14.25 11.67
C ILE B 228 13.19 12.97 12.46
N GLN B 229 12.14 12.26 12.86
CA GLN B 229 12.26 11.06 13.69
C GLN B 229 12.23 9.77 12.86
N TYR B 230 12.14 9.88 11.53
CA TYR B 230 11.95 8.72 10.67
C TYR B 230 13.13 8.55 9.72
N TRP B 231 13.48 7.29 9.49
CA TRP B 231 14.72 6.94 8.79
C TRP B 231 14.47 5.87 7.75
N ASN B 232 14.98 6.10 6.54
CA ASN B 232 15.02 5.09 5.48
C ASN B 232 16.32 4.32 5.69
N ILE B 233 16.22 3.09 6.15
CA ILE B 233 17.37 2.24 6.37
C ILE B 233 17.59 1.44 5.09
N ASN B 234 18.74 1.60 4.44
CA ASN B 234 19.00 0.87 3.21
C ASN B 234 20.43 0.38 3.17
N TYR B 235 20.69 -0.65 2.38
CA TYR B 235 22.04 -1.08 2.11
C TYR B 235 22.82 -0.03 1.33
N LEU B 236 24.14 -0.13 1.39
CA LEU B 236 24.99 0.73 0.57
CA LEU B 236 25.00 0.72 0.57
C LEU B 236 24.69 0.48 -0.90
N ASP B 237 25.12 1.40 -1.74
CA ASP B 237 24.97 1.28 -3.20
C ASP B 237 25.26 -0.13 -3.74
N ASN B 238 26.32 -0.78 -3.25
CA ASN B 238 26.74 -2.11 -3.74
CA ASN B 238 26.76 -2.07 -3.76
C ASN B 238 27.29 -3.03 -2.67
N ASP B 239 26.73 -2.95 -1.48
CA ASP B 239 27.20 -3.77 -0.37
C ASP B 239 26.04 -3.95 0.59
N ALA B 240 25.57 -5.19 0.72
CA ALA B 240 24.44 -5.51 1.59
C ALA B 240 24.86 -5.96 2.99
N SER B 241 26.11 -5.69 3.39
CA SER B 241 26.59 -6.02 4.73
C SER B 241 26.55 -4.83 5.68
N LYS B 242 26.16 -3.67 5.16
CA LYS B 242 26.12 -2.46 5.97
C LYS B 242 25.14 -1.46 5.35
N TYR B 243 24.90 -0.35 6.05
CA TYR B 243 23.73 0.47 5.85
C TYR B 243 24.00 1.96 5.86
N ILE B 244 23.13 2.68 5.13
CA ILE B 244 23.00 4.13 5.20
C ILE B 244 21.62 4.37 5.81
N LEU B 245 21.52 5.36 6.70
CA LEU B 245 20.25 5.76 7.30
C LEU B 245 19.92 7.18 6.86
N TYR B 246 18.96 7.31 5.94
CA TYR B 246 18.56 8.60 5.39
C TYR B 246 17.44 9.16 6.25
N ASN B 247 17.53 10.42 6.62
CA ASN B 247 16.47 11.03 7.42
C ASN B 247 15.33 11.53 6.54
N LEU B 248 14.08 11.21 6.89
CA LEU B 248 12.95 11.55 6.02
C LEU B 248 12.69 13.04 5.89
N GLN B 249 13.15 13.85 6.85
CA GLN B 249 13.01 15.31 6.75
C GLN B 249 13.80 15.88 5.58
N ASP B 250 14.92 15.24 5.25
CA ASP B 250 15.72 15.60 4.10
C ASP B 250 16.50 14.36 3.69
N THR B 251 15.97 13.64 2.71
CA THR B 251 16.50 12.33 2.33
C THR B 251 17.85 12.41 1.61
N ASN B 252 18.34 13.62 1.36
CA ASN B 252 19.73 13.82 0.92
C ASN B 252 20.71 13.82 2.07
N ARG B 253 20.20 13.74 3.31
CA ARG B 253 21.06 13.76 4.50
C ARG B 253 20.88 12.49 5.32
N VAL B 254 21.97 12.11 6.00
CA VAL B 254 22.08 10.80 6.60
C VAL B 254 22.76 10.84 7.96
N LEU B 255 22.60 9.74 8.71
CA LEU B 255 23.26 9.56 9.98
C LEU B 255 24.77 9.47 9.77
N ASP B 256 25.51 10.33 10.49
CA ASP B 256 26.90 10.69 10.12
C ASP B 256 27.75 10.88 11.39
N VAL B 257 28.93 10.27 11.42
CA VAL B 257 29.89 10.49 12.49
C VAL B 257 30.75 11.72 12.17
N TYR B 258 30.66 12.72 13.05
CA TYR B 258 31.33 14.02 12.89
C TYR B 258 32.79 13.89 12.47
N ASN B 259 33.06 14.34 11.24
CA ASN B 259 34.39 14.34 10.63
C ASN B 259 35.20 13.07 10.83
N SER B 260 34.50 11.94 10.83
CA SER B 260 35.14 10.62 10.95
C SER B 260 35.96 10.44 12.24
N GLN B 261 35.67 11.23 13.28
CA GLN B 261 36.35 11.10 14.56
C GLN B 261 35.82 9.85 15.28
N ILE B 262 36.66 9.18 16.05
CA ILE B 262 36.26 7.91 16.65
C ILE B 262 36.29 7.86 18.18
N ALA B 263 36.75 8.90 18.86
CA ALA B 263 36.83 8.84 20.31
C ALA B 263 35.45 8.71 20.95
N ASN B 264 35.38 8.06 22.10
CA ASN B 264 34.15 8.06 22.89
C ASN B 264 33.68 9.50 23.03
N GLY B 265 32.40 9.71 22.79
CA GLY B 265 31.82 11.06 22.89
C GLY B 265 31.72 11.82 21.59
N THR B 266 32.28 11.29 20.51
CA THR B 266 32.14 11.89 19.19
C THR B 266 30.66 12.05 18.82
N HIS B 267 30.29 13.23 18.37
CA HIS B 267 28.92 13.52 17.99
C HIS B 267 28.51 12.77 16.75
N VAL B 268 27.31 12.20 16.82
CA VAL B 268 26.61 11.70 15.66
C VAL B 268 25.63 12.79 15.22
N ILE B 269 25.59 13.01 13.91
CA ILE B 269 24.89 14.15 13.31
C ILE B 269 24.11 13.69 12.08
N VAL B 270 23.35 14.62 11.49
CA VAL B 270 22.73 14.41 10.18
C VAL B 270 23.39 15.39 9.21
N ASP B 271 23.96 14.88 8.12
CA ASP B 271 24.65 15.71 7.13
C ASP B 271 24.53 15.10 5.75
N SER B 272 24.85 15.90 4.74
CA SER B 272 24.71 15.52 3.34
C SER B 272 25.36 14.19 3.01
N TYR B 273 24.63 13.36 2.26
CA TYR B 273 25.11 12.06 1.87
C TYR B 273 26.33 12.14 0.97
N HIS B 274 27.36 11.37 1.30
CA HIS B 274 28.42 11.05 0.34
C HIS B 274 28.75 9.56 0.32
N GLY B 275 28.39 8.83 1.37
CA GLY B 275 28.54 7.38 1.40
C GLY B 275 29.89 6.89 1.87
N ASN B 276 30.72 7.79 2.40
CA ASN B 276 32.01 7.39 2.96
C ASN B 276 31.83 6.64 4.30
N THR B 277 32.91 6.11 4.84
CA THR B 277 32.83 5.21 6.00
C THR B 277 32.17 5.81 7.24
N ASN B 278 32.24 7.14 7.42
CA ASN B 278 31.60 7.79 8.55
C ASN B 278 30.09 7.85 8.43
N GLN B 279 29.56 7.44 7.28
CA GLN B 279 28.10 7.36 7.07
C GLN B 279 27.62 5.92 6.93
N GLN B 280 28.51 4.96 7.14
CA GLN B 280 28.20 3.54 6.97
C GLN B 280 28.04 2.91 8.34
N TRP B 281 26.98 2.14 8.51
CA TRP B 281 26.61 1.61 9.82
C TRP B 281 26.42 0.11 9.72
N ILE B 282 26.88 -0.60 10.73
CA ILE B 282 26.78 -2.04 10.82
C ILE B 282 25.72 -2.31 11.89
N ILE B 283 24.67 -3.02 11.52
CA ILE B 283 23.55 -3.26 12.42
C ILE B 283 23.52 -4.74 12.79
N ASN B 284 23.46 -5.01 14.09
CA ASN B 284 23.35 -6.38 14.57
C ASN B 284 22.25 -6.52 15.59
N LEU B 285 21.65 -7.71 15.62
CA LEU B 285 20.68 -8.05 16.64
C LEU B 285 21.40 -8.18 17.97
N ILE B 286 20.73 -7.77 19.04
CA ILE B 286 21.27 -7.93 20.39
C ILE B 286 21.16 -9.40 20.76
C1 NGA C . 32.98 16.50 7.11
C2 NGA C . 32.43 15.13 6.72
C3 NGA C . 30.91 15.09 6.90
C4 NGA C . 30.55 15.52 8.32
C5 NGA C . 31.20 16.88 8.62
C6 NGA C . 30.84 17.39 10.01
C7 NGA C . 33.30 13.90 4.79
C8 NGA C . 33.48 13.88 3.30
N2 NGA C . 32.68 14.97 5.28
O1 NGA C . 34.41 16.49 6.96
O3 NGA C . 30.44 13.77 6.62
O4 NGA C . 30.94 14.51 9.26
O5 NGA C . 32.61 16.79 8.45
O6 NGA C . 31.30 18.75 10.16
O7 NGA C . 33.70 12.98 5.50
#